data_5ZMP
#
_entry.id   5ZMP
#
_cell.length_a   56.790
_cell.length_b   56.790
_cell.length_c   112.520
_cell.angle_alpha   90.00
_cell.angle_beta   90.00
_cell.angle_gamma   90.00
#
_symmetry.space_group_name_H-M   'P 41'
#
loop_
_entity.id
_entity.type
_entity.pdbx_description
1 polymer 'lysine deacylase'
2 non-polymer 'ZINC ION'
3 water water
#
_entity_poly.entity_id   1
_entity_poly.type   'polypeptide(L)'
_entity_poly.pdbx_seq_one_letter_code
;MIHLIYSDQFLDHGTGRSHPESARRLTAIAQALKAVSWANQIQWHEPTAIAFRDPLPWVRQLHDDYYLKELQKLAESGGG
YWDPDTPVSPQSFDVALLAVNACLDGVDLALQTKEPVFALVRPPGHHATRSTGMGFCLLGNVAIAAHYALGLAGIKKVAI
LDWDVHHGNGTEYLVEENPQIIYCSLHQDPAYPGTGQAHHHGRHQNILNIPLKPGADRRIYVQKFQDVVLPYLQEFQPDL
LIVSAGYDATAKDPLAGMNLQPQDYKVFSEFCQQLPCPILFALEGGYHLQTLAESVVATLEPFAQLE
;
_entity_poly.pdbx_strand_id   A
#
# COMPACT_ATOMS: atom_id res chain seq x y z
N MET A 1 -4.24 21.09 1.11
CA MET A 1 -3.39 20.55 0.07
C MET A 1 -3.18 19.02 0.22
N ILE A 2 -3.48 18.29 -0.85
CA ILE A 2 -3.37 16.83 -0.89
C ILE A 2 -2.29 16.47 -1.90
N HIS A 3 -1.34 15.63 -1.49
CA HIS A 3 -0.16 15.36 -2.31
C HIS A 3 -0.33 14.03 -3.02
N LEU A 4 -0.21 14.04 -4.34
CA LEU A 4 -0.20 12.85 -5.16
C LEU A 4 1.20 12.65 -5.71
N ILE A 5 1.70 11.42 -5.64
CA ILE A 5 3.03 11.12 -6.15
C ILE A 5 2.86 10.10 -7.26
N TYR A 6 3.18 10.50 -8.49
CA TYR A 6 2.83 9.72 -9.65
C TYR A 6 3.87 9.92 -10.75
N SER A 7 4.27 8.83 -11.37
CA SER A 7 5.05 8.87 -12.61
C SER A 7 4.39 7.99 -13.66
N ASP A 8 4.44 8.45 -14.91
CA ASP A 8 3.99 7.61 -16.02
C ASP A 8 4.84 6.38 -16.20
N GLN A 9 6.04 6.36 -15.60
CA GLN A 9 6.86 5.16 -15.63
C GLN A 9 6.19 4.01 -14.89
N PHE A 10 5.31 4.30 -13.93
CA PHE A 10 4.58 3.22 -13.27
C PHE A 10 3.68 2.49 -14.25
N LEU A 11 3.35 3.12 -15.38
CA LEU A 11 2.58 2.45 -16.43
C LEU A 11 3.42 1.42 -17.17
N ASP A 12 4.75 1.53 -17.08
CA ASP A 12 5.64 0.71 -17.88
C ASP A 12 5.94 -0.64 -17.25
N HIS A 13 5.47 -0.89 -16.02
CA HIS A 13 5.51 -2.25 -15.48
C HIS A 13 4.49 -3.08 -16.25
N GLY A 14 4.97 -3.99 -17.10
CA GLY A 14 4.09 -4.74 -17.98
C GLY A 14 3.64 -6.08 -17.45
N THR A 15 2.33 -6.25 -17.29
CA THR A 15 1.76 -7.45 -16.68
C THR A 15 0.97 -8.33 -17.66
N GLY A 16 0.84 -7.92 -18.90
CA GLY A 16 0.16 -8.74 -19.89
C GLY A 16 -1.15 -8.14 -20.33
N ARG A 17 -1.80 -8.87 -21.23
CA ARG A 17 -2.96 -8.34 -21.96
C ARG A 17 -4.13 -8.13 -21.02
N SER A 18 -4.51 -9.17 -20.29
CA SER A 18 -5.73 -9.19 -19.50
C SER A 18 -5.43 -9.36 -18.01
N HIS A 19 -4.20 -9.10 -17.60
CA HIS A 19 -3.86 -9.18 -16.19
C HIS A 19 -4.63 -8.09 -15.43
N PRO A 20 -5.18 -8.43 -14.26
CA PRO A 20 -5.97 -7.42 -13.51
C PRO A 20 -5.12 -6.31 -12.92
N GLU A 21 -3.83 -6.54 -12.66
CA GLU A 21 -2.94 -5.49 -12.17
C GLU A 21 -2.39 -4.73 -13.39
N SER A 22 -3.22 -3.84 -13.91
CA SER A 22 -2.96 -3.19 -15.19
C SER A 22 -2.54 -1.74 -15.00
N ALA A 23 -1.80 -1.24 -16.00
CA ALA A 23 -1.42 0.17 -15.99
C ALA A 23 -2.64 1.08 -15.93
N ARG A 24 -3.77 0.66 -16.52
CA ARG A 24 -4.95 1.52 -16.57
C ARG A 24 -5.47 1.87 -15.19
N ARG A 25 -5.21 1.01 -14.19
CA ARG A 25 -5.62 1.31 -12.84
C ARG A 25 -5.16 2.70 -12.44
N LEU A 26 -3.95 3.07 -12.83
CA LEU A 26 -3.42 4.37 -12.45
C LEU A 26 -4.11 5.48 -13.24
N THR A 27 -4.24 5.28 -14.55
CA THR A 27 -4.91 6.29 -15.38
C THR A 27 -6.31 6.55 -14.86
N ALA A 28 -7.07 5.48 -14.65
CA ALA A 28 -8.43 5.60 -14.11
C ALA A 28 -8.44 6.43 -12.83
N ILE A 29 -7.47 6.21 -11.93
CA ILE A 29 -7.45 6.98 -10.70
C ILE A 29 -7.11 8.43 -11.00
N ALA A 30 -6.03 8.62 -11.76
CA ALA A 30 -5.55 9.97 -12.07
C ALA A 30 -6.65 10.81 -12.72
N GLN A 31 -7.30 10.25 -13.76
CA GLN A 31 -8.37 11.00 -14.40
C GLN A 31 -9.42 11.42 -13.37
N ALA A 32 -9.81 10.50 -12.48
CA ALA A 32 -10.85 10.82 -11.50
C ALA A 32 -10.38 11.94 -10.57
N LEU A 33 -9.12 11.85 -10.11
CA LEU A 33 -8.62 12.89 -9.22
C LEU A 33 -8.52 14.22 -9.95
N LYS A 34 -8.30 14.20 -11.25
CA LYS A 34 -8.25 15.47 -11.96
C LYS A 34 -9.64 16.01 -12.26
N ALA A 35 -10.66 15.16 -12.23
CA ALA A 35 -12.01 15.57 -12.58
C ALA A 35 -12.81 16.04 -11.37
N VAL A 36 -12.36 15.71 -10.16
CA VAL A 36 -13.13 16.00 -8.96
C VAL A 36 -13.17 17.51 -8.71
N SER A 37 -14.19 17.94 -7.96
CA SER A 37 -14.40 19.36 -7.70
C SER A 37 -13.21 19.99 -7.01
N TRP A 38 -12.60 19.28 -6.05
CA TRP A 38 -11.46 19.78 -5.31
C TRP A 38 -10.14 19.47 -5.98
N ALA A 39 -10.12 19.34 -7.31
CA ALA A 39 -8.87 18.97 -7.97
C ALA A 39 -7.80 20.03 -7.78
N ASN A 40 -8.17 21.30 -7.65
CA ASN A 40 -7.14 22.33 -7.51
C ASN A 40 -6.44 22.27 -6.16
N GLN A 41 -6.93 21.45 -5.23
CA GLN A 41 -6.25 21.22 -3.95
C GLN A 41 -5.24 20.07 -4.00
N ILE A 42 -5.13 19.36 -5.12
CA ILE A 42 -4.16 18.28 -5.26
C ILE A 42 -2.88 18.87 -5.85
N GLN A 43 -1.74 18.63 -5.20
CA GLN A 43 -0.42 18.89 -5.79
C GLN A 43 0.19 17.59 -6.27
N TRP A 44 0.52 17.53 -7.57
CA TRP A 44 1.17 16.38 -8.16
C TRP A 44 2.68 16.48 -8.05
N HIS A 45 3.33 15.34 -7.76
CA HIS A 45 4.77 15.24 -7.63
C HIS A 45 5.25 14.06 -8.46
N GLU A 46 6.32 14.27 -9.19
CA GLU A 46 7.04 13.18 -9.82
C GLU A 46 8.01 12.56 -8.81
N PRO A 47 8.03 11.24 -8.69
CA PRO A 47 8.92 10.61 -7.71
C PRO A 47 10.38 10.86 -8.03
N THR A 48 11.21 10.89 -6.98
CA THR A 48 12.64 11.04 -7.15
C THR A 48 13.20 9.91 -8.02
N ALA A 49 13.94 10.28 -9.06
CA ALA A 49 14.56 9.28 -9.93
C ALA A 49 15.52 8.40 -9.13
N ILE A 50 15.57 7.12 -9.49
CA ILE A 50 16.48 6.22 -8.80
C ILE A 50 17.94 6.48 -9.17
N ALA A 51 18.19 7.19 -10.26
CA ALA A 51 19.55 7.63 -10.55
C ALA A 51 20.04 8.66 -9.54
N PHE A 52 19.12 9.34 -8.86
CA PHE A 52 19.47 10.37 -7.90
C PHE A 52 19.40 9.89 -6.45
N ARG A 53 18.32 9.23 -6.07
CA ARG A 53 18.25 8.49 -4.81
C ARG A 53 18.13 7.01 -5.15
N ASP A 54 19.22 6.29 -4.93
CA ASP A 54 19.21 4.84 -5.00
C ASP A 54 18.44 4.30 -3.80
N PRO A 55 17.31 3.63 -3.98
CA PRO A 55 16.55 3.15 -2.83
C PRO A 55 17.11 1.89 -2.21
N LEU A 56 18.12 1.28 -2.80
CA LEU A 56 18.59 0.00 -2.31
C LEU A 56 19.05 0.01 -0.85
N PRO A 57 19.69 1.08 -0.31
CA PRO A 57 20.03 1.09 1.13
C PRO A 57 18.83 0.86 2.04
N TRP A 58 17.61 1.03 1.53
CA TRP A 58 16.42 0.67 2.28
C TRP A 58 15.75 -0.60 1.78
N VAL A 59 15.79 -0.84 0.46
CA VAL A 59 15.26 -2.11 -0.04
C VAL A 59 16.00 -3.26 0.63
N ARG A 60 17.31 -3.14 0.73
CA ARG A 60 18.18 -4.17 1.27
C ARG A 60 17.97 -4.39 2.75
N GLN A 61 17.36 -3.46 3.47
CA GLN A 61 17.09 -3.77 4.86
C GLN A 61 16.12 -4.94 4.96
N LEU A 62 15.30 -5.12 3.94
CA LEU A 62 14.18 -6.05 4.02
C LEU A 62 14.33 -7.25 3.10
N HIS A 63 14.90 -7.08 1.90
CA HIS A 63 14.94 -8.17 0.93
C HIS A 63 16.33 -8.77 0.78
N ASP A 64 16.36 -10.07 0.49
CA ASP A 64 17.61 -10.80 0.29
C ASP A 64 18.34 -10.28 -0.95
N ASP A 65 19.66 -10.17 -0.84
CA ASP A 65 20.47 -9.81 -2.01
C ASP A 65 20.25 -10.81 -3.13
N TYR A 66 20.13 -12.10 -2.80
CA TYR A 66 19.92 -13.09 -3.85
C TYR A 66 18.62 -12.82 -4.60
N TYR A 67 17.55 -12.51 -3.85
CA TYR A 67 16.26 -12.23 -4.49
C TYR A 67 16.36 -10.99 -5.39
N LEU A 68 16.95 -9.92 -4.87
CA LEU A 68 17.10 -8.70 -5.65
C LEU A 68 17.88 -8.95 -6.95
N LYS A 69 18.99 -9.68 -6.84
CA LYS A 69 19.82 -10.02 -8.00
C LYS A 69 19.02 -10.80 -9.04
N GLU A 70 18.30 -11.84 -8.59
CA GLU A 70 17.59 -12.69 -9.54
C GLU A 70 16.47 -11.93 -10.22
N LEU A 71 15.78 -11.07 -9.47
CA LEU A 71 14.72 -10.24 -10.05
C LEU A 71 15.29 -9.31 -11.11
N GLN A 72 16.33 -8.56 -10.77
CA GLN A 72 16.92 -7.66 -11.74
C GLN A 72 17.36 -8.42 -12.98
N LYS A 73 17.87 -9.64 -12.79
CA LYS A 73 18.42 -10.38 -13.92
C LYS A 73 17.32 -10.93 -14.82
N LEU A 74 16.21 -11.39 -14.24
CA LEU A 74 15.05 -11.74 -15.03
C LEU A 74 14.55 -10.54 -15.82
N ALA A 75 14.51 -9.36 -15.19
CA ALA A 75 14.00 -8.20 -15.92
C ALA A 75 14.92 -7.88 -17.08
N GLU A 76 16.22 -7.75 -16.81
CA GLU A 76 17.17 -7.27 -17.80
C GLU A 76 17.44 -8.29 -18.90
N SER A 77 17.05 -9.55 -18.71
CA SER A 77 17.19 -10.54 -19.75
C SER A 77 15.99 -10.60 -20.68
N GLY A 78 15.03 -9.69 -20.55
CA GLY A 78 13.87 -9.66 -21.43
C GLY A 78 12.53 -9.94 -20.75
N GLY A 79 12.50 -10.13 -19.44
CA GLY A 79 11.24 -10.35 -18.75
C GLY A 79 10.91 -11.82 -18.63
N GLY A 80 9.74 -12.07 -18.05
CA GLY A 80 9.32 -13.42 -17.73
C GLY A 80 8.22 -13.41 -16.67
N TYR A 81 8.07 -14.53 -16.00
CA TYR A 81 7.12 -14.68 -14.90
C TYR A 81 7.89 -15.09 -13.68
N TRP A 82 7.76 -14.31 -12.60
CA TRP A 82 8.36 -14.74 -11.34
C TRP A 82 7.61 -15.95 -10.77
N ASP A 83 6.28 -15.90 -10.77
CA ASP A 83 5.40 -17.07 -10.64
C ASP A 83 4.32 -16.90 -11.70
N PRO A 84 3.37 -17.83 -11.87
CA PRO A 84 2.35 -17.67 -12.90
C PRO A 84 1.56 -16.37 -12.81
N ASP A 85 1.42 -15.77 -11.63
CA ASP A 85 0.56 -14.61 -11.46
C ASP A 85 1.32 -13.29 -11.48
N THR A 86 2.64 -13.34 -11.49
CA THR A 86 3.47 -12.16 -11.25
C THR A 86 4.44 -12.00 -12.41
N PRO A 87 3.98 -11.40 -13.51
CA PRO A 87 4.90 -11.06 -14.60
C PRO A 87 5.90 -10.00 -14.22
N VAL A 88 7.04 -10.04 -14.89
CA VAL A 88 8.10 -9.06 -14.81
C VAL A 88 8.44 -8.68 -16.24
N SER A 89 8.27 -7.41 -16.59
CA SER A 89 8.69 -6.92 -17.90
C SER A 89 10.13 -6.44 -17.83
N PRO A 90 10.76 -6.11 -18.98
CA PRO A 90 12.14 -5.60 -18.90
C PRO A 90 12.31 -4.39 -17.96
N GLN A 91 11.33 -3.50 -17.87
CA GLN A 91 11.42 -2.34 -16.99
C GLN A 91 11.04 -2.62 -15.54
N SER A 92 10.62 -3.84 -15.19
CA SER A 92 9.88 -3.98 -13.94
C SER A 92 10.75 -3.77 -12.71
N PHE A 93 12.02 -4.13 -12.75
CA PHE A 93 12.87 -3.89 -11.58
C PHE A 93 13.07 -2.39 -11.34
N ASP A 94 13.41 -1.64 -12.40
CA ASP A 94 13.54 -0.20 -12.27
C ASP A 94 12.23 0.44 -11.83
N VAL A 95 11.11 -0.07 -12.33
CA VAL A 95 9.82 0.52 -11.99
C VAL A 95 9.49 0.27 -10.53
N ALA A 96 9.79 -0.95 -10.04
CA ALA A 96 9.58 -1.25 -8.63
C ALA A 96 10.49 -0.41 -7.73
N LEU A 97 11.74 -0.18 -8.15
CA LEU A 97 12.61 0.69 -7.35
C LEU A 97 12.05 2.12 -7.31
N LEU A 98 11.47 2.57 -8.42
CA LEU A 98 10.82 3.88 -8.44
C LEU A 98 9.56 3.91 -7.57
N ALA A 99 8.83 2.81 -7.48
CA ALA A 99 7.68 2.76 -6.58
C ALA A 99 8.11 2.87 -5.12
N VAL A 100 9.21 2.21 -4.78
CA VAL A 100 9.82 2.40 -3.46
C VAL A 100 10.16 3.88 -3.26
N ASN A 101 10.78 4.49 -4.27
CA ASN A 101 11.19 5.88 -4.14
C ASN A 101 9.99 6.80 -3.98
N ALA A 102 8.88 6.50 -4.64
CA ALA A 102 7.66 7.30 -4.45
C ALA A 102 7.17 7.23 -3.02
N CYS A 103 7.18 6.02 -2.43
CA CYS A 103 6.80 5.91 -1.01
C CYS A 103 7.80 6.66 -0.09
N LEU A 104 9.08 6.62 -0.44
CA LEU A 104 10.09 7.30 0.39
C LEU A 104 9.85 8.81 0.35
N ASP A 105 9.63 9.34 -0.86
CA ASP A 105 9.13 10.69 -1.08
C ASP A 105 7.87 10.98 -0.26
N GLY A 106 6.91 10.05 -0.24
CA GLY A 106 5.70 10.28 0.51
C GLY A 106 5.96 10.43 2.00
N VAL A 107 6.84 9.60 2.56
CA VAL A 107 7.26 9.77 3.95
C VAL A 107 7.84 11.17 4.17
N ASP A 108 8.81 11.55 3.33
CA ASP A 108 9.40 12.87 3.40
C ASP A 108 8.33 13.97 3.40
N LEU A 109 7.40 13.87 2.46
CA LEU A 109 6.45 14.95 2.22
C LEU A 109 5.42 15.02 3.33
N ALA A 110 4.91 13.86 3.77
CA ALA A 110 3.99 13.80 4.90
C ALA A 110 4.63 14.38 6.17
N LEU A 111 5.90 14.05 6.42
CA LEU A 111 6.60 14.62 7.57
C LEU A 111 6.76 16.12 7.44
N GLN A 112 7.13 16.59 6.25
CA GLN A 112 7.46 18.00 6.08
C GLN A 112 6.22 18.88 6.17
N THR A 113 5.15 18.48 5.49
CA THR A 113 3.99 19.33 5.31
C THR A 113 2.84 19.04 6.28
N LYS A 114 2.85 17.90 6.96
CA LYS A 114 1.73 17.45 7.77
C LYS A 114 0.46 17.28 6.95
N GLU A 115 0.56 17.24 5.64
CA GLU A 115 -0.61 17.02 4.79
C GLU A 115 -0.61 15.59 4.23
N PRO A 116 -1.77 15.08 3.84
CA PRO A 116 -1.82 13.70 3.34
C PRO A 116 -1.11 13.52 2.00
N VAL A 117 -0.60 12.31 1.78
CA VAL A 117 0.12 11.96 0.56
C VAL A 117 -0.37 10.60 0.08
N PHE A 118 -0.62 10.48 -1.22
CA PHE A 118 -1.04 9.24 -1.86
C PHE A 118 0.00 8.88 -2.91
N ALA A 119 0.71 7.77 -2.69
CA ALA A 119 1.68 7.23 -3.64
C ALA A 119 0.94 6.30 -4.60
N LEU A 120 0.77 6.78 -5.83
CA LEU A 120 0.02 6.11 -6.89
C LEU A 120 1.02 5.26 -7.66
N VAL A 121 1.25 4.05 -7.19
CA VAL A 121 2.39 3.25 -7.60
C VAL A 121 1.91 1.93 -8.15
N ARG A 122 2.67 1.39 -9.08
CA ARG A 122 2.70 0.00 -9.47
C ARG A 122 4.16 -0.41 -9.46
N PRO A 123 4.48 -1.67 -9.15
CA PRO A 123 3.56 -2.73 -8.74
C PRO A 123 3.17 -2.54 -7.28
N PRO A 124 2.13 -3.24 -6.81
CA PRO A 124 1.82 -3.21 -5.37
C PRO A 124 2.93 -3.93 -4.59
N GLY A 125 2.86 -3.83 -3.26
CA GLY A 125 3.93 -4.40 -2.46
C GLY A 125 3.64 -5.38 -1.34
N HIS A 126 2.40 -5.46 -0.82
CA HIS A 126 2.25 -6.04 0.51
C HIS A 126 2.37 -7.56 0.58
N HIS A 127 2.41 -8.28 -0.55
CA HIS A 127 2.67 -9.71 -0.53
C HIS A 127 4.13 -10.10 -0.75
N ALA A 128 4.97 -9.18 -1.23
CA ALA A 128 6.37 -9.49 -1.45
C ALA A 128 7.07 -9.77 -0.13
N THR A 129 7.82 -10.87 -0.10
CA THR A 129 8.52 -11.28 1.11
C THR A 129 10.00 -11.00 0.97
N ARG A 130 10.75 -11.42 1.98
CA ARG A 130 12.19 -11.18 2.00
C ARG A 130 12.86 -11.84 0.79
N SER A 131 12.37 -13.00 0.36
CA SER A 131 13.08 -13.80 -0.62
C SER A 131 12.34 -14.02 -1.94
N THR A 132 11.09 -13.56 -2.09
CA THR A 132 10.41 -13.76 -3.35
C THR A 132 9.27 -12.76 -3.51
N GLY A 133 9.01 -12.36 -4.77
CA GLY A 133 7.76 -11.69 -5.08
C GLY A 133 6.60 -12.67 -5.21
N MET A 134 5.37 -12.16 -5.02
CA MET A 134 4.19 -13.00 -5.20
C MET A 134 2.96 -12.10 -5.21
N GLY A 135 1.83 -12.66 -5.64
CA GLY A 135 0.58 -11.94 -5.68
C GLY A 135 0.69 -10.56 -6.28
N PHE A 136 1.35 -10.46 -7.43
CA PHE A 136 1.49 -9.25 -8.25
C PHE A 136 2.53 -8.31 -7.65
N CYS A 137 3.18 -8.67 -6.53
CA CYS A 137 4.07 -7.81 -5.77
C CYS A 137 5.53 -8.22 -5.92
N LEU A 138 6.40 -7.23 -6.14
CA LEU A 138 7.84 -7.47 -6.31
C LEU A 138 8.66 -7.07 -5.09
N LEU A 139 8.43 -5.86 -4.56
CA LEU A 139 9.14 -5.34 -3.39
C LEU A 139 8.12 -4.81 -2.38
N GLY A 140 8.48 -4.88 -1.11
CA GLY A 140 7.52 -4.52 -0.06
C GLY A 140 7.46 -3.03 0.21
N ASN A 141 6.90 -2.26 -0.73
CA ASN A 141 6.86 -0.79 -0.68
C ASN A 141 6.65 -0.22 0.72
N VAL A 142 5.57 -0.66 1.39
CA VAL A 142 5.14 -0.02 2.64
C VAL A 142 6.07 -0.40 3.79
N ALA A 143 6.47 -1.67 3.87
CA ALA A 143 7.42 -2.05 4.91
C ALA A 143 8.77 -1.36 4.70
N ILE A 144 9.20 -1.25 3.46
CA ILE A 144 10.43 -0.50 3.17
C ILE A 144 10.28 0.96 3.58
N ALA A 145 9.10 1.55 3.30
CA ALA A 145 8.90 2.97 3.61
C ALA A 145 8.91 3.20 5.12
N ALA A 146 8.33 2.29 5.87
CA ALA A 146 8.38 2.34 7.33
C ALA A 146 9.81 2.30 7.83
N HIS A 147 10.63 1.40 7.27
CA HIS A 147 12.01 1.33 7.71
C HIS A 147 12.80 2.58 7.32
N TYR A 148 12.46 3.18 6.18
CA TYR A 148 13.01 4.47 5.80
C TYR A 148 12.63 5.54 6.81
N ALA A 149 11.34 5.57 7.19
CA ALA A 149 10.83 6.58 8.10
C ALA A 149 11.53 6.52 9.45
N LEU A 150 11.84 5.30 9.92
CA LEU A 150 12.46 5.17 11.23
C LEU A 150 13.87 5.77 11.28
N GLY A 151 14.51 6.02 10.13
CA GLY A 151 15.79 6.70 10.06
C GLY A 151 15.72 8.20 10.15
N LEU A 152 14.52 8.77 10.25
CA LEU A 152 14.26 10.20 10.14
C LEU A 152 14.06 10.81 11.51
N ALA A 153 14.55 12.04 11.67
CA ALA A 153 14.37 12.76 12.92
C ALA A 153 12.88 12.99 13.19
N GLY A 154 12.44 12.64 14.38
CA GLY A 154 11.06 12.82 14.77
C GLY A 154 10.17 11.61 14.60
N ILE A 155 10.68 10.52 14.03
CA ILE A 155 9.90 9.30 13.82
C ILE A 155 10.56 8.19 14.61
N LYS A 156 9.96 7.82 15.75
CA LYS A 156 10.44 6.70 16.52
C LYS A 156 9.51 5.48 16.45
N LYS A 157 8.29 5.66 15.92
CA LYS A 157 7.26 4.63 15.87
C LYS A 157 6.47 4.82 14.58
N VAL A 158 6.23 3.74 13.85
CA VAL A 158 5.40 3.78 12.66
C VAL A 158 4.30 2.73 12.79
N ALA A 159 3.08 3.12 12.43
CA ALA A 159 1.98 2.19 12.33
C ALA A 159 1.64 1.99 10.85
N ILE A 160 1.39 0.73 10.46
CA ILE A 160 0.91 0.39 9.13
C ILE A 160 -0.50 -0.16 9.26
N LEU A 161 -1.40 0.30 8.40
CA LEU A 161 -2.77 -0.18 8.36
C LEU A 161 -3.08 -0.66 6.95
N ASP A 162 -3.44 -1.93 6.83
CA ASP A 162 -3.61 -2.60 5.55
C ASP A 162 -5.10 -2.93 5.40
N TRP A 163 -5.79 -2.19 4.54
CA TRP A 163 -7.21 -2.43 4.30
C TRP A 163 -7.47 -3.01 2.92
N ASP A 164 -6.42 -3.35 2.17
CA ASP A 164 -6.56 -4.29 1.07
C ASP A 164 -7.36 -5.50 1.54
N VAL A 165 -8.14 -6.12 0.65
CA VAL A 165 -8.97 -7.24 1.05
C VAL A 165 -8.13 -8.43 1.47
N HIS A 166 -6.87 -8.49 1.03
CA HIS A 166 -6.00 -9.63 1.27
C HIS A 166 -5.07 -9.31 2.42
N HIS A 167 -4.76 -10.33 3.25
CA HIS A 167 -3.74 -10.17 4.27
C HIS A 167 -2.40 -9.79 3.64
N GLY A 168 -1.72 -8.80 4.22
CA GLY A 168 -0.39 -8.45 3.73
C GLY A 168 0.68 -9.32 4.33
N ASN A 169 0.76 -10.57 3.88
CA ASN A 169 1.69 -11.54 4.45
C ASN A 169 3.13 -11.04 4.35
N GLY A 170 3.50 -10.47 3.21
CA GLY A 170 4.78 -9.84 3.07
C GLY A 170 5.03 -8.74 4.08
N THR A 171 4.13 -7.74 4.17
CA THR A 171 4.33 -6.70 5.17
C THR A 171 4.52 -7.29 6.56
N GLU A 172 3.62 -8.20 6.95
CA GLU A 172 3.70 -8.79 8.28
C GLU A 172 5.05 -9.47 8.50
N TYR A 173 5.46 -10.33 7.56
CA TYR A 173 6.75 -11.00 7.67
C TYR A 173 7.89 -9.99 7.79
N LEU A 174 7.81 -8.89 7.04
CA LEU A 174 8.94 -7.96 6.95
C LEU A 174 9.05 -7.03 8.15
N VAL A 175 7.95 -6.74 8.85
CA VAL A 175 8.00 -5.80 9.97
C VAL A 175 7.83 -6.47 11.33
N GLU A 176 7.41 -7.74 11.38
CA GLU A 176 7.04 -8.39 12.62
C GLU A 176 8.14 -8.31 13.68
N GLU A 177 9.40 -8.50 13.27
CA GLU A 177 10.53 -8.50 14.20
C GLU A 177 10.90 -7.12 14.71
N ASN A 178 10.26 -6.05 14.25
CA ASN A 178 10.73 -4.71 14.52
C ASN A 178 9.87 -4.05 15.60
N PRO A 179 10.40 -3.87 16.82
CA PRO A 179 9.59 -3.25 17.89
C PRO A 179 9.16 -1.82 17.61
N GLN A 180 9.77 -1.14 16.64
CA GLN A 180 9.40 0.21 16.28
C GLN A 180 8.16 0.27 15.38
N ILE A 181 7.63 -0.85 14.92
CA ILE A 181 6.54 -0.86 13.97
C ILE A 181 5.38 -1.66 14.54
N ILE A 182 4.15 -1.22 14.28
CA ILE A 182 2.99 -2.09 14.45
C ILE A 182 2.29 -2.22 13.11
N TYR A 183 1.59 -3.33 12.93
CA TYR A 183 0.89 -3.65 11.70
C TYR A 183 -0.52 -4.10 12.04
N CYS A 184 -1.50 -3.49 11.40
CA CYS A 184 -2.89 -3.89 11.54
C CYS A 184 -3.45 -4.17 10.17
N SER A 185 -4.14 -5.30 10.02
CA SER A 185 -4.69 -5.71 8.73
C SER A 185 -6.15 -6.11 8.90
N LEU A 186 -6.99 -5.68 7.97
CA LEU A 186 -8.35 -6.23 7.88
C LEU A 186 -8.44 -7.00 6.58
N HIS A 187 -8.92 -8.23 6.63
CA HIS A 187 -8.84 -9.00 5.40
C HIS A 187 -9.84 -10.14 5.41
N GLN A 188 -10.21 -10.56 4.20
CA GLN A 188 -11.13 -11.67 4.03
C GLN A 188 -10.46 -12.99 4.41
N ASP A 189 -11.23 -13.85 5.10
CA ASP A 189 -10.78 -15.18 5.48
C ASP A 189 -11.97 -16.12 5.35
N PRO A 190 -11.91 -17.14 4.47
CA PRO A 190 -10.73 -17.51 3.68
C PRO A 190 -10.57 -16.67 2.43
N ALA A 191 -9.31 -16.36 2.11
CA ALA A 191 -8.95 -15.69 0.88
C ALA A 191 -7.43 -15.80 0.72
N TYR A 192 -6.95 -15.51 -0.47
CA TYR A 192 -5.51 -15.42 -0.70
C TYR A 192 -4.90 -14.44 0.31
N PRO A 193 -3.74 -14.77 0.91
CA PRO A 193 -2.91 -15.95 0.75
C PRO A 193 -2.98 -16.93 1.93
N GLY A 194 -4.12 -17.02 2.59
CA GLY A 194 -4.31 -18.04 3.60
C GLY A 194 -3.62 -17.78 4.92
N THR A 195 -3.14 -16.57 5.12
CA THR A 195 -2.41 -16.16 6.32
C THR A 195 -3.16 -15.09 7.08
N GLY A 196 -2.56 -14.67 8.18
CA GLY A 196 -3.01 -13.67 9.13
C GLY A 196 -3.93 -14.20 10.20
N GLN A 197 -3.61 -15.21 11.04
CA GLN A 197 -4.72 -15.49 11.93
C GLN A 197 -4.78 -14.47 13.06
N ALA A 198 -5.98 -14.30 13.61
CA ALA A 198 -6.22 -13.30 14.66
C ALA A 198 -5.34 -13.52 15.88
N HIS A 199 -4.94 -14.76 16.15
CA HIS A 199 -4.13 -15.04 17.33
C HIS A 199 -2.65 -14.73 17.14
N HIS A 200 -2.17 -14.43 15.93
CA HIS A 200 -0.76 -14.15 15.72
C HIS A 200 -0.52 -12.67 16.01
N HIS A 201 0.23 -12.38 17.06
CA HIS A 201 0.48 -11.01 17.47
C HIS A 201 1.95 -10.64 17.39
N GLY A 202 2.80 -11.54 16.89
CA GLY A 202 4.24 -11.33 16.88
C GLY A 202 4.85 -11.38 18.27
N ARG A 203 6.17 -11.50 18.35
CA ARG A 203 6.81 -11.51 19.67
C ARG A 203 6.70 -10.15 20.35
N HIS A 204 6.58 -9.06 19.59
CA HIS A 204 6.49 -7.71 20.14
C HIS A 204 5.05 -7.24 20.35
N GLN A 205 4.06 -8.12 20.24
CA GLN A 205 2.66 -7.72 20.33
C GLN A 205 2.38 -6.53 19.40
N ASN A 206 2.86 -6.65 18.16
CA ASN A 206 2.82 -5.54 17.21
C ASN A 206 2.13 -5.92 15.92
N ILE A 207 1.39 -7.03 15.91
CA ILE A 207 0.60 -7.49 14.78
C ILE A 207 -0.83 -7.68 15.25
N LEU A 208 -1.77 -7.00 14.60
CA LEU A 208 -3.20 -7.18 14.85
C LEU A 208 -3.87 -7.54 13.54
N ASN A 209 -4.21 -8.82 13.41
CA ASN A 209 -4.89 -9.37 12.24
C ASN A 209 -6.36 -9.47 12.54
N ILE A 210 -7.18 -8.91 11.66
CA ILE A 210 -8.62 -8.88 11.79
C ILE A 210 -9.19 -9.61 10.58
N PRO A 211 -9.28 -10.94 10.64
CA PRO A 211 -9.93 -11.68 9.54
C PRO A 211 -11.43 -11.55 9.62
N LEU A 212 -12.06 -11.49 8.45
CA LEU A 212 -13.50 -11.30 8.31
C LEU A 212 -14.06 -12.28 7.30
N LYS A 213 -15.28 -12.75 7.57
CA LYS A 213 -15.95 -13.69 6.71
C LYS A 213 -16.31 -13.04 5.38
N PRO A 214 -16.31 -13.82 4.29
CA PRO A 214 -16.81 -13.30 3.01
C PRO A 214 -18.16 -12.61 3.17
N GLY A 215 -18.38 -11.60 2.34
CA GLY A 215 -19.64 -10.89 2.33
C GLY A 215 -19.71 -9.70 3.27
N ALA A 216 -18.62 -9.40 3.98
CA ALA A 216 -18.56 -8.23 4.84
C ALA A 216 -18.90 -6.96 4.06
N ASP A 217 -19.58 -6.02 4.73
CA ASP A 217 -19.74 -4.71 4.14
C ASP A 217 -19.46 -3.61 5.15
N ARG A 218 -20.02 -2.43 4.93
CA ARG A 218 -19.64 -1.25 5.69
C ARG A 218 -19.81 -1.45 7.19
N ARG A 219 -20.91 -2.07 7.62
CA ARG A 219 -21.24 -2.15 9.04
C ARG A 219 -20.14 -2.87 9.84
N ILE A 220 -19.75 -4.06 9.38
CA ILE A 220 -18.76 -4.83 10.12
C ILE A 220 -17.40 -4.13 10.11
N TYR A 221 -17.03 -3.53 8.96
CA TYR A 221 -15.75 -2.83 8.89
C TYR A 221 -15.71 -1.63 9.83
N VAL A 222 -16.80 -0.85 9.88
CA VAL A 222 -16.84 0.32 10.75
C VAL A 222 -16.79 -0.12 12.21
N GLN A 223 -17.49 -1.21 12.55
CA GLN A 223 -17.43 -1.74 13.90
C GLN A 223 -16.00 -2.10 14.27
N LYS A 224 -15.30 -2.79 13.38
CA LYS A 224 -13.91 -3.15 13.67
C LYS A 224 -13.03 -1.91 13.79
N PHE A 225 -13.28 -0.90 12.94
CA PHE A 225 -12.46 0.31 12.99
C PHE A 225 -12.63 1.01 14.32
N GLN A 226 -13.87 1.17 14.79
CA GLN A 226 -14.10 1.93 16.01
C GLN A 226 -13.73 1.14 17.26
N ASP A 227 -13.94 -0.18 17.24
CA ASP A 227 -13.78 -1.03 18.41
C ASP A 227 -12.41 -1.65 18.52
N VAL A 228 -11.73 -1.86 17.40
CA VAL A 228 -10.50 -2.63 17.44
C VAL A 228 -9.34 -1.85 16.86
N VAL A 229 -9.54 -1.25 15.67
CA VAL A 229 -8.41 -0.70 14.92
C VAL A 229 -7.88 0.57 15.58
N LEU A 230 -8.74 1.57 15.75
CA LEU A 230 -8.29 2.86 16.24
C LEU A 230 -7.82 2.78 17.70
N PRO A 231 -8.45 2.01 18.59
CA PRO A 231 -7.84 1.84 19.93
C PRO A 231 -6.43 1.27 19.86
N TYR A 232 -6.20 0.29 19.00
CA TYR A 232 -4.87 -0.29 18.87
C TYR A 232 -3.87 0.74 18.36
N LEU A 233 -4.19 1.41 17.25
CA LEU A 233 -3.28 2.43 16.74
C LEU A 233 -3.03 3.53 17.76
N GLN A 234 -4.09 3.99 18.45
CA GLN A 234 -3.95 5.14 19.35
C GLN A 234 -3.10 4.79 20.57
N GLU A 235 -3.26 3.58 21.14
CA GLU A 235 -2.44 3.27 22.30
C GLU A 235 -0.95 3.24 21.94
N PHE A 236 -0.63 2.94 20.69
CA PHE A 236 0.77 2.87 20.28
C PHE A 236 1.34 4.27 20.00
N GLN A 237 0.51 5.24 19.64
CA GLN A 237 0.93 6.63 19.44
C GLN A 237 2.02 6.72 18.38
N PRO A 238 1.75 6.32 17.15
CA PRO A 238 2.80 6.37 16.13
C PRO A 238 3.10 7.81 15.69
N ASP A 239 4.32 8.00 15.19
CA ASP A 239 4.69 9.27 14.58
C ASP A 239 4.29 9.34 13.12
N LEU A 240 3.86 8.23 12.54
CA LEU A 240 3.48 8.19 11.13
C LEU A 240 2.52 7.01 10.94
N LEU A 241 1.52 7.21 10.09
CA LEU A 241 0.63 6.15 9.64
C LEU A 241 0.90 5.93 8.17
N ILE A 242 1.26 4.71 7.79
CA ILE A 242 1.29 4.30 6.40
C ILE A 242 0.13 3.34 6.18
N VAL A 243 -0.76 3.71 5.26
CA VAL A 243 -1.92 2.90 4.90
C VAL A 243 -1.60 2.16 3.61
N SER A 244 -1.59 0.83 3.67
CA SER A 244 -1.65 0.02 2.45
C SER A 244 -3.06 0.08 1.91
N ALA A 245 -3.29 1.01 0.98
CA ALA A 245 -4.62 1.37 0.49
C ALA A 245 -4.90 0.50 -0.73
N GLY A 246 -5.57 -0.62 -0.49
CA GLY A 246 -6.03 -1.49 -1.56
C GLY A 246 -7.54 -1.38 -1.56
N TYR A 247 -8.13 -1.52 -2.73
CA TYR A 247 -9.54 -1.22 -2.87
C TYR A 247 -10.31 -2.42 -3.42
N ASP A 248 -9.82 -3.61 -3.12
CA ASP A 248 -10.40 -4.83 -3.65
C ASP A 248 -11.32 -5.52 -2.64
N ALA A 249 -11.71 -4.84 -1.56
CA ALA A 249 -12.78 -5.33 -0.69
C ALA A 249 -14.14 -4.80 -1.12
N THR A 250 -14.22 -4.18 -2.28
CA THR A 250 -15.48 -3.64 -2.78
C THR A 250 -16.32 -4.72 -3.43
N ALA A 251 -17.65 -4.55 -3.36
CA ALA A 251 -18.57 -5.49 -4.02
C ALA A 251 -18.19 -5.77 -5.47
N LYS A 252 -17.83 -4.74 -6.22
CA LYS A 252 -17.59 -4.88 -7.66
C LYS A 252 -16.21 -5.44 -7.99
N ASP A 253 -15.31 -5.57 -7.02
CA ASP A 253 -13.97 -6.03 -7.35
C ASP A 253 -13.97 -7.51 -7.75
N PRO A 254 -13.31 -7.88 -8.85
CA PRO A 254 -13.49 -9.25 -9.38
C PRO A 254 -12.69 -10.32 -8.66
N LEU A 255 -11.73 -9.98 -7.82
CA LEU A 255 -10.81 -10.97 -7.27
C LEU A 255 -11.16 -11.43 -5.86
N ALA A 256 -12.15 -10.82 -5.22
CA ALA A 256 -12.42 -11.08 -3.81
C ALA A 256 -13.92 -11.07 -3.56
N GLY A 257 -14.30 -11.34 -2.31
CA GLY A 257 -15.69 -11.55 -1.97
C GLY A 257 -16.28 -10.67 -0.87
N MET A 258 -15.72 -9.48 -0.65
CA MET A 258 -16.32 -8.52 0.26
C MET A 258 -17.15 -7.52 -0.53
N ASN A 259 -17.99 -6.77 0.19
CA ASN A 259 -19.07 -6.00 -0.41
C ASN A 259 -19.04 -4.54 0.01
N LEU A 260 -17.85 -3.98 0.17
CA LEU A 260 -17.72 -2.55 0.45
C LEU A 260 -18.09 -1.72 -0.77
N GLN A 261 -18.44 -0.47 -0.52
CA GLN A 261 -18.70 0.49 -1.57
C GLN A 261 -17.60 1.55 -1.60
N PRO A 262 -17.34 2.18 -2.75
CA PRO A 262 -16.31 3.23 -2.80
C PRO A 262 -16.43 4.23 -1.68
N GLN A 263 -17.63 4.72 -1.39
CA GLN A 263 -17.81 5.76 -0.39
C GLN A 263 -17.43 5.32 1.02
N ASP A 264 -17.34 4.01 1.29
CA ASP A 264 -16.95 3.53 2.61
C ASP A 264 -15.51 3.91 2.97
N TYR A 265 -14.62 4.00 1.99
CA TYR A 265 -13.24 4.40 2.26
C TYR A 265 -13.15 5.83 2.78
N LYS A 266 -14.13 6.68 2.46
CA LYS A 266 -14.22 7.98 3.12
C LYS A 266 -14.30 7.82 4.64
N VAL A 267 -15.16 6.91 5.12
CA VAL A 267 -15.27 6.66 6.54
C VAL A 267 -13.95 6.15 7.10
N PHE A 268 -13.30 5.24 6.37
CA PHE A 268 -12.03 4.71 6.88
C PHE A 268 -11.01 5.83 7.08
N SER A 269 -10.92 6.74 6.09
CA SER A 269 -9.99 7.87 6.21
C SER A 269 -10.39 8.80 7.34
N GLU A 270 -11.69 8.96 7.58
CA GLU A 270 -12.12 9.79 8.70
C GLU A 270 -11.66 9.20 10.02
N PHE A 271 -11.81 7.88 10.19
CA PHE A 271 -11.24 7.20 11.35
C PHE A 271 -9.74 7.49 11.47
N CYS A 272 -9.01 7.35 10.36
CA CYS A 272 -7.57 7.52 10.43
C CYS A 272 -7.19 8.94 10.83
N GLN A 273 -7.98 9.93 10.42
CA GLN A 273 -7.78 11.32 10.84
C GLN A 273 -7.88 11.52 12.34
N GLN A 274 -8.47 10.58 13.09
CA GLN A 274 -8.47 10.69 14.54
C GLN A 274 -7.08 10.58 15.14
N LEU A 275 -6.12 10.04 14.39
CA LEU A 275 -4.75 10.00 14.88
C LEU A 275 -4.06 11.35 14.64
N PRO A 276 -3.25 11.83 15.59
CA PRO A 276 -2.56 13.11 15.39
C PRO A 276 -1.38 13.07 14.42
N CYS A 277 -0.91 11.90 13.98
CA CYS A 277 0.29 11.85 13.16
C CYS A 277 -0.03 12.08 11.69
N PRO A 278 0.97 12.31 10.85
CA PRO A 278 0.72 12.36 9.40
C PRO A 278 0.43 10.98 8.83
N ILE A 279 -0.06 10.99 7.60
CA ILE A 279 -0.59 9.80 6.93
C ILE A 279 -0.05 9.75 5.51
N LEU A 280 0.49 8.59 5.14
CA LEU A 280 0.89 8.28 3.77
C LEU A 280 0.08 7.09 3.30
N PHE A 281 -0.68 7.27 2.24
CA PHE A 281 -1.37 6.17 1.57
C PHE A 281 -0.46 5.64 0.46
N ALA A 282 -0.46 4.33 0.28
CA ALA A 282 0.30 3.70 -0.78
C ALA A 282 -0.63 2.68 -1.46
N LEU A 283 -0.82 2.83 -2.77
CA LEU A 283 -1.75 1.97 -3.48
C LEU A 283 -1.32 0.50 -3.45
N GLU A 284 -2.24 -0.40 -3.09
CA GLU A 284 -1.98 -1.83 -3.24
C GLU A 284 -2.86 -2.41 -4.34
N GLY A 285 -3.86 -3.21 -3.97
CA GLY A 285 -4.79 -3.80 -4.91
C GLY A 285 -6.01 -2.94 -5.18
N GLY A 286 -7.04 -3.58 -5.76
CA GLY A 286 -8.26 -2.91 -6.26
C GLY A 286 -8.28 -2.93 -7.77
N TYR A 287 -9.25 -3.61 -8.38
CA TYR A 287 -9.10 -4.03 -9.77
C TYR A 287 -10.27 -3.68 -10.70
N HIS A 288 -11.45 -3.38 -10.18
CA HIS A 288 -12.50 -2.78 -11.00
C HIS A 288 -12.20 -1.29 -11.14
N LEU A 289 -11.97 -0.84 -12.38
CA LEU A 289 -11.35 0.46 -12.61
C LEU A 289 -12.21 1.60 -12.08
N GLN A 290 -13.49 1.62 -12.43
CA GLN A 290 -14.36 2.71 -11.99
C GLN A 290 -14.50 2.71 -10.48
N THR A 291 -14.68 1.52 -9.89
CA THR A 291 -14.77 1.43 -8.44
C THR A 291 -13.48 1.89 -7.79
N LEU A 292 -12.34 1.51 -8.37
CA LEU A 292 -11.04 1.87 -7.81
C LEU A 292 -10.84 3.39 -7.82
N ALA A 293 -11.16 4.04 -8.95
CA ALA A 293 -11.06 5.49 -9.02
C ALA A 293 -11.96 6.16 -8.00
N GLU A 294 -13.23 5.74 -7.95
CA GLU A 294 -14.17 6.31 -6.99
C GLU A 294 -13.72 6.08 -5.55
N SER A 295 -13.06 4.95 -5.29
CA SER A 295 -12.59 4.64 -3.93
C SER A 295 -11.39 5.50 -3.54
N VAL A 296 -10.46 5.76 -4.46
CA VAL A 296 -9.37 6.67 -4.12
C VAL A 296 -9.92 8.08 -3.85
N VAL A 297 -10.85 8.52 -4.70
CA VAL A 297 -11.50 9.82 -4.48
C VAL A 297 -12.12 9.88 -3.09
N ALA A 298 -12.85 8.82 -2.71
CA ALA A 298 -13.47 8.79 -1.38
C ALA A 298 -12.42 8.80 -0.29
N THR A 299 -11.32 8.06 -0.47
CA THR A 299 -10.24 8.03 0.51
C THR A 299 -9.71 9.43 0.82
N LEU A 300 -9.51 10.25 -0.23
CA LEU A 300 -8.87 11.54 -0.02
C LEU A 300 -9.84 12.68 0.22
N GLU A 301 -11.13 12.50 -0.10
CA GLU A 301 -12.12 13.55 0.12
C GLU A 301 -12.19 14.10 1.54
N PRO A 302 -12.10 13.30 2.63
CA PRO A 302 -12.15 13.91 3.97
C PRO A 302 -11.04 14.92 4.22
N PHE A 303 -9.95 14.90 3.45
CA PHE A 303 -8.89 15.88 3.61
C PHE A 303 -9.13 17.14 2.80
N ALA A 304 -10.03 17.12 1.83
CA ALA A 304 -10.30 18.31 1.03
C ALA A 304 -10.97 19.39 1.85
N GLN A 305 -11.78 19.02 2.85
CA GLN A 305 -12.24 19.97 3.88
C GLN A 305 -12.09 19.35 5.28
#